data_1MCQ
#
_entry.id   1MCQ
#
_cell.length_a   72.300
_cell.length_b   72.300
_cell.length_c   185.900
_cell.angle_alpha   90.00
_cell.angle_beta   90.00
_cell.angle_gamma   120.00
#
_symmetry.space_group_name_H-M   'P 31 2 1'
#
loop_
_entity.id
_entity.type
_entity.pdbx_description
1 polymer 'IMMUNOGLOBULIN LAMBDA DIMER MCG (LIGHT CHAIN)'
2 polymer 'PEPTIDE N-ACETYL-L-HIS-D-PRO-NH2'
#
loop_
_entity_poly.entity_id
_entity_poly.type
_entity_poly.pdbx_seq_one_letter_code
_entity_poly.pdbx_strand_id
1 'polypeptide(L)'
;PSALTQPPSASGSLGQSVTISCTGTSSDVGGYNYVSWYQQHAGKAPKVIIYEVNKRPSGVPDRFSGSKSGNTASLTVSGL
QAEDEADYYCSSYEGSDNFVFGTGTKVTVLGQPKANPTVTLFPPSSEELQANKATLVCLISDFYPGAVTVAWKADGSPVK
AGVETTKPSKQSNNKYAASSYLSLTPEQWKSHRSYSCQVTHEGSTVEKTVAPTECS
;
A,B
2 'polypeptide(L)' (ACE)H(DPR)(NH2) P
#
loop_
_chem_comp.id
_chem_comp.type
_chem_comp.name
_chem_comp.formula
ACE non-polymer 'ACETYL GROUP' 'C2 H4 O'
NH2 non-polymer 'AMINO GROUP' 'H2 N'
#
# COMPACT_ATOMS: atom_id res chain seq x y z
N PRO A 1 12.70 23.30 -10.20
CA PRO A 1 12.96 22.30 -9.16
C PRO A 1 14.06 22.77 -8.25
N SER A 2 14.22 22.11 -7.10
CA SER A 2 15.35 22.35 -6.18
C SER A 2 15.12 21.74 -4.80
N ALA A 3 15.83 20.65 -4.56
CA ALA A 3 15.60 19.71 -3.48
C ALA A 3 16.30 19.92 -2.16
N LEU A 4 15.62 20.62 -1.26
CA LEU A 4 16.14 20.97 0.08
C LEU A 4 17.00 19.92 0.75
N THR A 5 18.31 20.02 0.67
CA THR A 5 19.27 19.02 1.10
C THR A 5 18.87 18.30 2.39
N GLN A 6 18.47 17.07 2.17
CA GLN A 6 18.12 16.12 3.26
C GLN A 6 19.21 15.05 3.22
N PRO A 7 19.64 14.57 4.38
CA PRO A 7 20.49 13.37 4.47
C PRO A 7 19.71 12.15 4.00
N PRO A 8 20.43 11.20 3.40
CA PRO A 8 19.84 10.01 2.80
C PRO A 8 19.64 8.86 3.77
N SER A 9 19.59 9.14 5.07
CA SER A 9 19.44 8.08 6.08
C SER A 9 19.34 8.66 7.48
N ALA A 10 19.14 7.75 8.43
CA ALA A 10 19.14 8.11 9.88
C ALA A 10 18.66 6.93 10.71
N SER A 11 19.60 6.07 11.05
CA SER A 11 19.33 4.85 11.84
C SER A 11 19.32 5.20 13.33
N GLY A 12 18.17 4.94 13.94
CA GLY A 12 18.03 5.14 15.41
C GLY A 12 17.71 3.78 16.04
N SER A 13 17.24 3.82 17.27
CA SER A 13 16.84 2.61 18.00
C SER A 13 15.69 2.91 18.95
N LEU A 14 14.82 1.92 19.11
CA LEU A 14 13.59 2.02 19.90
C LEU A 14 13.86 2.59 21.29
N GLY A 15 13.39 3.80 21.50
CA GLY A 15 13.73 4.47 22.81
C GLY A 15 15.23 4.85 22.77
N GLN A 16 15.52 5.62 21.78
CA GLN A 16 16.76 6.39 21.54
C GLN A 16 16.13 7.61 20.83
N SER A 17 16.75 8.16 19.83
CA SER A 17 16.07 9.19 19.02
C SER A 17 16.63 9.21 17.62
N VAL A 18 16.09 10.17 16.88
CA VAL A 18 16.48 10.46 15.49
C VAL A 18 16.08 11.91 15.20
N THR A 19 17.05 12.69 14.77
CA THR A 19 16.82 14.07 14.31
C THR A 19 17.34 14.15 12.88
N ILE A 20 16.59 14.80 12.03
CA ILE A 20 16.94 14.96 10.60
C ILE A 20 17.00 16.42 10.21
N SER A 21 17.64 16.72 9.08
CA SER A 21 17.87 18.06 8.60
C SER A 21 17.35 18.27 7.17
N CYS A 22 16.88 19.49 6.96
CA CYS A 22 16.37 19.98 5.68
C CYS A 22 17.13 21.29 5.39
N THR A 23 18.04 21.21 4.45
CA THR A 23 19.02 22.27 4.19
C THR A 23 18.56 23.04 2.95
N GLY A 24 18.21 24.27 3.21
CA GLY A 24 17.63 25.25 2.38
C GLY A 24 18.53 26.37 1.87
N THR A 25 17.89 27.52 1.70
CA THR A 25 18.40 28.71 1.01
C THR A 25 17.42 29.83 1.29
N SER A 26 17.83 31.07 1.46
CA SER A 26 16.89 32.13 1.89
C SER A 26 15.68 32.18 0.96
N SER A 27 14.62 31.60 1.48
CA SER A 27 13.31 31.37 0.82
C SER A 27 12.86 30.05 1.51
N ASP A 28 13.55 29.03 1.04
CA ASP A 28 13.62 27.73 1.71
C ASP A 28 14.04 28.05 3.16
N VAL A 29 13.50 27.28 4.06
CA VAL A 29 13.89 27.32 5.47
C VAL A 29 14.14 28.74 5.93
N GLY A 30 15.33 29.26 5.70
CA GLY A 30 15.79 30.58 6.03
C GLY A 30 14.88 31.76 5.77
N GLY A 31 14.37 31.87 4.56
CA GLY A 31 13.52 32.92 4.09
C GLY A 31 12.16 33.10 4.71
N TYR A 32 11.34 32.07 4.69
CA TYR A 32 9.99 32.06 5.30
C TYR A 32 9.95 30.96 6.36
N ASN A 33 8.94 31.01 7.21
CA ASN A 33 8.76 29.98 8.26
C ASN A 33 7.85 28.83 7.84
N TYR A 34 7.65 28.60 6.56
CA TYR A 34 6.70 27.60 6.07
C TYR A 34 7.43 26.31 5.64
N VAL A 35 7.97 25.63 6.63
CA VAL A 35 8.73 24.38 6.46
C VAL A 35 7.99 23.28 7.24
N SER A 36 7.53 22.31 6.45
CA SER A 36 6.67 21.22 6.89
C SER A 36 7.27 19.87 6.48
N TRP A 37 7.03 18.90 7.35
CA TRP A 37 7.54 17.55 7.23
C TRP A 37 6.35 16.56 7.10
N TYR A 38 6.59 15.66 6.18
CA TYR A 38 5.65 14.61 5.79
C TYR A 38 6.29 13.27 6.20
N GLN A 39 5.42 12.29 6.34
CA GLN A 39 5.86 10.93 6.70
C GLN A 39 5.25 9.93 5.71
N GLN A 40 6.01 9.58 4.68
CA GLN A 40 5.48 8.69 3.63
C GLN A 40 5.99 7.26 3.86
N HIS A 41 5.00 6.38 4.04
CA HIS A 41 5.26 4.95 4.25
C HIS A 41 5.32 4.26 2.89
N ALA A 42 6.11 3.19 2.86
CA ALA A 42 6.31 2.43 1.62
C ALA A 42 4.98 2.31 0.88
N GLY A 43 4.98 2.88 -0.31
CA GLY A 43 3.90 2.79 -1.27
C GLY A 43 2.55 3.19 -0.72
N LYS A 44 2.56 4.22 0.11
CA LYS A 44 1.31 4.73 0.73
C LYS A 44 1.33 6.23 0.62
N ALA A 45 0.22 6.86 0.96
CA ALA A 45 0.11 8.31 0.99
C ALA A 45 0.96 9.01 2.06
N PRO A 46 1.21 10.30 1.80
CA PRO A 46 1.97 11.20 2.62
C PRO A 46 1.87 11.45 4.09
N LYS A 47 0.77 11.94 4.63
CA LYS A 47 0.65 12.21 6.09
C LYS A 47 1.54 13.41 6.43
N VAL A 48 0.92 14.58 6.54
CA VAL A 48 1.65 15.83 6.91
C VAL A 48 1.66 15.89 8.44
N ILE A 49 2.88 15.92 8.95
CA ILE A 49 3.09 15.73 10.40
C ILE A 49 3.52 17.02 11.07
N ILE A 50 4.64 17.58 10.65
CA ILE A 50 5.03 18.92 11.06
C ILE A 50 4.59 19.81 9.88
N TYR A 51 4.04 20.93 10.26
CA TYR A 51 3.76 22.00 9.29
C TYR A 51 4.22 23.29 9.98
N GLU A 52 4.83 24.15 9.18
CA GLU A 52 5.07 25.54 9.68
C GLU A 52 5.97 25.52 10.90
N VAL A 53 7.16 24.99 10.70
CA VAL A 53 8.24 24.97 11.71
C VAL A 53 7.90 24.21 12.95
N ASN A 54 7.15 24.74 13.91
CA ASN A 54 6.86 24.09 15.18
C ASN A 54 5.51 23.39 15.27
N LYS A 55 4.61 23.61 14.33
CA LYS A 55 3.22 23.15 14.53
C LYS A 55 3.02 21.74 14.04
N ARG A 56 1.98 21.12 14.61
CA ARG A 56 1.77 19.66 14.44
C ARG A 56 0.28 19.35 14.49
N PRO A 57 -0.20 18.76 13.40
CA PRO A 57 -1.54 18.29 13.22
C PRO A 57 -2.29 17.70 14.39
N SER A 58 -3.60 17.78 14.16
CA SER A 58 -4.67 17.39 15.06
C SER A 58 -4.73 15.89 15.30
N GLY A 59 -3.69 15.38 15.97
CA GLY A 59 -3.57 13.95 16.21
C GLY A 59 -2.19 13.36 16.09
N VAL A 60 -1.19 14.15 15.65
CA VAL A 60 0.18 13.55 15.51
C VAL A 60 0.92 13.46 16.82
N PRO A 61 1.54 12.30 17.02
CA PRO A 61 2.31 12.02 18.27
C PRO A 61 3.35 13.08 18.46
N ASP A 62 3.15 13.85 19.54
CA ASP A 62 4.16 14.83 19.96
C ASP A 62 5.35 14.06 20.57
N ARG A 63 6.25 13.74 19.69
CA ARG A 63 7.61 13.29 20.01
C ARG A 63 8.48 13.79 18.83
N PHE A 64 7.72 14.23 17.82
CA PHE A 64 8.27 14.77 16.58
C PHE A 64 8.36 16.30 16.83
N SER A 65 9.39 16.86 16.23
CA SER A 65 9.52 18.35 16.35
C SER A 65 10.30 18.90 15.17
N GLY A 66 9.97 20.13 14.82
CA GLY A 66 10.82 20.92 13.89
C GLY A 66 11.67 21.88 14.72
N SER A 67 12.82 22.24 14.16
CA SER A 67 13.76 23.16 14.81
C SER A 67 14.61 23.89 13.75
N LYS A 68 13.94 24.85 13.13
CA LYS A 68 14.59 25.71 12.12
C LYS A 68 15.64 26.57 12.83
N SER A 69 16.79 26.65 12.19
CA SER A 69 17.83 27.57 12.73
C SER A 69 17.89 28.78 11.80
N GLY A 70 18.41 28.51 10.61
CA GLY A 70 18.53 29.56 9.59
C GLY A 70 17.96 28.93 8.31
N ASN A 71 18.90 28.60 7.46
CA ASN A 71 18.62 27.97 6.17
C ASN A 71 18.47 26.46 6.33
N THR A 72 18.64 25.94 7.52
CA THR A 72 18.35 24.51 7.77
C THR A 72 17.35 24.31 8.90
N ALA A 73 16.64 23.18 8.78
CA ALA A 73 15.55 22.84 9.72
C ALA A 73 15.76 21.42 10.21
N SER A 74 15.21 21.15 11.42
CA SER A 74 15.35 19.76 11.92
C SER A 74 14.01 19.15 12.31
N LEU A 75 13.91 17.83 12.12
CA LEU A 75 12.76 17.04 12.61
C LEU A 75 13.29 16.04 13.65
N THR A 76 12.63 15.97 14.78
CA THR A 76 13.07 15.17 15.92
C THR A 76 12.04 14.13 16.35
N VAL A 77 12.32 12.92 15.96
CA VAL A 77 11.61 11.69 16.33
C VAL A 77 12.37 11.13 17.55
N SER A 78 11.87 11.48 18.72
CA SER A 78 12.43 10.95 19.98
C SER A 78 11.62 9.76 20.49
N GLY A 79 12.38 8.74 20.84
CA GLY A 79 11.87 7.57 21.59
C GLY A 79 11.28 6.56 20.61
N LEU A 80 12.05 6.34 19.56
CA LEU A 80 11.65 5.52 18.43
C LEU A 80 10.75 4.33 18.76
N GLN A 81 9.69 4.29 17.95
CA GLN A 81 8.73 3.21 17.81
C GLN A 81 9.08 2.56 16.45
N ALA A 82 8.87 1.28 16.36
CA ALA A 82 9.16 0.52 15.12
C ALA A 82 8.40 1.18 13.96
N GLU A 83 7.26 1.73 14.38
CA GLU A 83 6.30 2.37 13.49
C GLU A 83 7.04 3.35 12.58
N ASP A 84 8.11 3.92 13.12
CA ASP A 84 8.72 5.13 12.53
C ASP A 84 9.66 4.81 11.39
N GLU A 85 9.58 3.55 10.93
CA GLU A 85 10.43 3.24 9.73
C GLU A 85 9.65 3.76 8.53
N ALA A 86 10.18 4.78 7.89
CA ALA A 86 9.49 5.53 6.83
C ALA A 86 10.46 6.43 6.08
N ASP A 87 9.88 7.17 5.13
CA ASP A 87 10.72 8.20 4.42
C ASP A 87 10.04 9.54 4.74
N TYR A 88 10.76 10.23 5.61
CA TYR A 88 10.28 11.58 6.01
C TYR A 88 10.75 12.51 4.89
N TYR A 89 9.81 13.34 4.48
CA TYR A 89 10.08 14.40 3.49
C TYR A 89 9.89 15.75 4.18
N CYS A 90 10.63 16.71 3.69
CA CYS A 90 10.53 18.12 4.13
C CYS A 90 10.17 19.00 2.93
N SER A 91 9.67 20.19 3.27
CA SER A 91 9.39 21.22 2.25
C SER A 91 9.31 22.61 2.87
N SER A 92 9.54 23.60 2.00
CA SER A 92 9.34 25.01 2.40
C SER A 92 8.81 25.86 1.25
N TYR A 93 7.81 26.69 1.60
CA TYR A 93 7.37 27.77 0.69
C TYR A 93 8.57 28.54 0.11
N GLU A 94 8.38 29.07 -1.09
CA GLU A 94 9.47 29.90 -1.66
C GLU A 94 9.01 31.00 -2.57
N GLY A 95 7.99 31.72 -2.13
CA GLY A 95 7.34 32.77 -2.91
C GLY A 95 6.56 32.19 -4.08
N SER A 96 5.87 33.08 -4.77
CA SER A 96 5.27 32.77 -6.08
C SER A 96 4.24 31.66 -6.01
N ASP A 97 3.92 31.29 -4.77
CA ASP A 97 3.03 30.22 -4.38
C ASP A 97 3.62 28.82 -4.61
N ASN A 98 4.87 28.78 -5.00
CA ASN A 98 5.54 27.47 -5.21
C ASN A 98 6.22 27.08 -3.89
N PHE A 99 6.17 25.79 -3.67
CA PHE A 99 6.68 25.10 -2.47
C PHE A 99 7.77 24.14 -2.98
N VAL A 100 8.72 23.85 -2.10
CA VAL A 100 9.89 23.04 -2.61
C VAL A 100 10.33 22.00 -1.62
N PHE A 101 10.49 20.78 -2.16
CA PHE A 101 10.71 19.55 -1.42
C PHE A 101 12.16 19.07 -1.40
N GLY A 102 12.46 18.33 -0.31
CA GLY A 102 13.81 17.93 -0.02
C GLY A 102 14.19 16.49 -0.10
N THR A 103 14.73 16.04 -1.21
CA THR A 103 15.38 14.78 -1.46
C THR A 103 14.87 13.51 -0.81
N GLY A 104 14.53 13.53 0.46
CA GLY A 104 13.96 12.40 1.19
C GLY A 104 14.99 11.86 2.19
N THR A 105 14.45 11.23 3.23
CA THR A 105 15.34 10.59 4.23
C THR A 105 14.68 9.26 4.62
N LYS A 106 15.46 8.19 4.50
CA LYS A 106 15.01 6.88 4.99
C LYS A 106 15.41 6.84 6.48
N VAL A 107 14.35 6.64 7.27
CA VAL A 107 14.48 6.67 8.74
C VAL A 107 14.04 5.30 9.26
N THR A 108 14.96 4.80 10.07
CA THR A 108 15.05 3.37 10.40
C THR A 108 15.21 3.22 11.89
N VAL A 109 14.86 2.04 12.34
CA VAL A 109 14.93 1.67 13.76
C VAL A 109 15.67 0.32 13.85
N LEU A 110 16.83 0.37 14.50
CA LEU A 110 17.55 -0.85 14.87
C LEU A 110 17.05 -1.23 16.28
N GLY A 111 17.20 -2.52 16.56
CA GLY A 111 16.72 -3.07 17.83
C GLY A 111 15.21 -3.28 17.79
N GLN A 112 14.76 -3.97 16.76
CA GLN A 112 13.37 -4.48 16.70
C GLN A 112 13.53 -6.01 16.75
N PRO A 113 12.74 -6.62 17.60
CA PRO A 113 12.83 -8.07 17.83
C PRO A 113 12.44 -8.80 16.55
N LYS A 114 13.23 -9.82 16.27
CA LYS A 114 13.05 -10.68 15.09
C LYS A 114 11.91 -11.67 15.33
N ALA A 115 11.26 -11.98 14.21
CA ALA A 115 10.08 -12.85 14.26
C ALA A 115 10.09 -13.83 13.09
N ASN A 116 9.66 -15.04 13.43
CA ASN A 116 9.60 -16.16 12.47
C ASN A 116 8.15 -16.21 11.96
N PRO A 117 8.10 -16.49 10.66
CA PRO A 117 6.87 -16.35 9.88
C PRO A 117 5.81 -17.28 10.43
N THR A 118 4.58 -16.80 10.33
CA THR A 118 3.42 -17.71 10.64
C THR A 118 2.98 -18.24 9.29
N VAL A 119 3.02 -19.56 9.14
CA VAL A 119 2.80 -20.20 7.83
C VAL A 119 1.40 -20.80 7.75
N THR A 120 0.68 -20.42 6.70
CA THR A 120 -0.72 -20.90 6.58
C THR A 120 -0.97 -21.44 5.18
N LEU A 121 -1.40 -22.69 5.15
CA LEU A 121 -1.59 -23.40 3.89
C LEU A 121 -3.09 -23.66 3.70
N PHE A 122 -3.55 -22.99 2.65
CA PHE A 122 -4.98 -23.14 2.25
C PHE A 122 -4.99 -24.22 1.18
N PRO A 123 -6.04 -25.01 1.22
CA PRO A 123 -6.40 -25.90 0.08
C PRO A 123 -7.43 -25.15 -0.76
N PRO A 124 -7.61 -25.59 -2.00
CA PRO A 124 -8.57 -24.99 -2.92
C PRO A 124 -9.99 -24.97 -2.35
N SER A 125 -10.61 -23.80 -2.50
CA SER A 125 -12.02 -23.58 -2.15
C SER A 125 -12.90 -24.57 -2.91
N SER A 126 -13.95 -25.03 -2.24
CA SER A 126 -14.92 -25.96 -2.86
C SER A 126 -15.57 -25.27 -4.06
N GLU A 127 -16.00 -24.07 -3.80
CA GLU A 127 -16.48 -23.09 -4.80
C GLU A 127 -15.60 -22.98 -6.00
N GLU A 128 -14.30 -22.76 -5.81
CA GLU A 128 -13.26 -22.78 -6.84
C GLU A 128 -13.27 -24.10 -7.63
N LEU A 129 -13.24 -25.16 -6.85
CA LEU A 129 -13.24 -26.54 -7.39
C LEU A 129 -14.41 -26.68 -8.36
N GLN A 130 -15.56 -26.24 -7.88
CA GLN A 130 -16.84 -26.32 -8.58
C GLN A 130 -16.63 -25.77 -10.01
N ALA A 131 -15.64 -24.87 -10.05
CA ALA A 131 -15.38 -24.17 -11.34
C ALA A 131 -14.33 -24.87 -12.18
N ASN A 132 -13.65 -25.80 -11.53
CA ASN A 132 -12.58 -26.59 -12.10
C ASN A 132 -11.23 -25.89 -12.20
N LYS A 133 -10.95 -25.03 -11.24
CA LYS A 133 -9.56 -24.51 -11.04
C LYS A 133 -8.95 -25.21 -9.84
N ALA A 134 -7.67 -24.97 -9.50
CA ALA A 134 -7.17 -25.52 -8.20
C ALA A 134 -5.97 -24.81 -7.63
N THR A 135 -6.14 -23.54 -7.33
CA THR A 135 -5.11 -22.67 -6.74
C THR A 135 -4.90 -22.99 -5.28
N LEU A 136 -3.68 -22.78 -4.80
CA LEU A 136 -3.24 -23.09 -3.42
C LEU A 136 -2.32 -21.99 -2.90
N VAL A 137 -2.54 -21.51 -1.69
CA VAL A 137 -1.72 -20.44 -1.16
C VAL A 137 -1.01 -20.83 0.15
N CYS A 138 0.19 -20.29 0.20
CA CYS A 138 1.03 -20.27 1.38
C CYS A 138 1.06 -18.76 1.73
N LEU A 139 0.11 -18.46 2.62
CA LEU A 139 0.15 -17.15 3.31
C LEU A 139 1.40 -17.25 4.19
N ILE A 140 2.38 -16.41 3.89
CA ILE A 140 3.55 -16.35 4.80
C ILE A 140 3.41 -15.03 5.54
N SER A 141 3.11 -15.12 6.82
CA SER A 141 2.80 -13.93 7.61
C SER A 141 3.87 -13.64 8.65
N ASP A 142 3.58 -12.62 9.45
CA ASP A 142 4.40 -11.96 10.40
C ASP A 142 5.82 -12.40 10.70
N PHE A 143 6.72 -12.01 9.82
CA PHE A 143 8.15 -12.22 9.96
C PHE A 143 8.92 -10.89 10.05
N TYR A 144 9.99 -10.95 10.83
CA TYR A 144 10.99 -9.91 10.93
C TYR A 144 12.41 -10.51 10.92
N PRO A 145 13.25 -10.10 10.00
CA PRO A 145 12.97 -9.16 8.90
C PRO A 145 12.50 -9.87 7.64
N GLY A 146 12.07 -9.11 6.65
CA GLY A 146 11.47 -9.55 5.43
C GLY A 146 12.37 -10.18 4.41
N ALA A 147 13.19 -11.13 4.82
CA ALA A 147 13.96 -11.97 3.86
C ALA A 147 13.54 -13.44 4.10
N VAL A 148 12.75 -13.94 3.15
CA VAL A 148 12.22 -15.31 3.27
C VAL A 148 12.24 -16.01 1.92
N THR A 149 12.40 -17.34 2.02
CA THR A 149 12.31 -18.17 0.79
C THR A 149 11.21 -19.22 0.96
N VAL A 150 10.49 -19.43 -0.14
CA VAL A 150 9.35 -20.34 -0.21
C VAL A 150 9.65 -21.43 -1.26
N ALA A 151 9.35 -22.64 -0.87
CA ALA A 151 9.47 -23.81 -1.76
C ALA A 151 8.31 -24.76 -1.50
N TRP A 152 7.75 -25.20 -2.62
CA TRP A 152 6.55 -26.04 -2.67
C TRP A 152 6.93 -27.50 -2.96
N LYS A 153 6.19 -28.43 -2.35
CA LYS A 153 6.51 -29.84 -2.61
C LYS A 153 5.26 -30.65 -2.89
N ALA A 154 5.39 -31.45 -3.94
CA ALA A 154 4.42 -32.52 -4.26
C ALA A 154 5.08 -33.77 -3.63
N ASP A 155 4.30 -34.23 -2.65
CA ASP A 155 4.78 -35.31 -1.76
C ASP A 155 6.17 -35.74 -2.21
N GLY A 156 7.15 -34.91 -1.85
CA GLY A 156 8.55 -35.15 -2.13
C GLY A 156 9.19 -34.17 -3.10
N SER A 157 9.40 -34.66 -4.31
CA SER A 157 10.28 -34.01 -5.32
C SER A 157 9.68 -32.70 -5.80
N PRO A 158 10.32 -31.62 -5.38
CA PRO A 158 9.71 -30.30 -5.29
C PRO A 158 9.02 -29.74 -6.50
N VAL A 159 8.00 -28.93 -6.20
CA VAL A 159 7.15 -28.20 -7.13
C VAL A 159 7.88 -26.92 -7.57
N LYS A 160 8.08 -26.84 -8.88
CA LYS A 160 8.76 -25.69 -9.47
C LYS A 160 8.09 -25.22 -10.73
N ALA A 161 6.76 -25.23 -10.71
CA ALA A 161 5.99 -24.70 -11.82
C ALA A 161 4.61 -24.19 -11.41
N GLY A 162 4.37 -22.97 -11.87
CA GLY A 162 3.03 -22.35 -11.73
C GLY A 162 2.94 -21.77 -10.31
N VAL A 163 4.14 -21.50 -9.79
CA VAL A 163 4.32 -20.97 -8.45
C VAL A 163 4.54 -19.46 -8.63
N GLU A 164 3.93 -18.71 -7.74
CA GLU A 164 4.11 -17.23 -7.82
C GLU A 164 4.08 -16.67 -6.40
N THR A 165 5.31 -16.48 -5.91
CA THR A 165 5.57 -15.89 -4.60
C THR A 165 5.63 -14.37 -4.79
N THR A 166 5.35 -13.66 -3.71
CA THR A 166 5.36 -12.19 -3.71
C THR A 166 6.55 -11.73 -2.87
N LYS A 167 6.95 -10.49 -3.15
CA LYS A 167 7.95 -9.81 -2.29
C LYS A 167 7.24 -9.37 -1.02
N PRO A 168 7.89 -9.63 0.10
CA PRO A 168 7.33 -9.28 1.43
C PRO A 168 6.86 -7.84 1.45
N SER A 169 5.74 -7.62 2.14
CA SER A 169 5.25 -6.23 2.35
C SER A 169 5.30 -5.86 3.82
N LYS A 170 5.54 -4.58 4.05
CA LYS A 170 5.48 -3.96 5.41
C LYS A 170 4.00 -3.97 5.78
N GLN A 171 3.63 -4.18 7.06
CA GLN A 171 2.21 -4.50 7.29
C GLN A 171 1.51 -4.18 8.57
N SER A 172 1.16 -2.95 8.81
CA SER A 172 0.36 -2.53 10.01
C SER A 172 1.28 -2.68 11.21
N ASN A 173 1.41 -3.89 11.75
CA ASN A 173 2.61 -4.13 12.61
C ASN A 173 3.80 -3.80 11.66
N ASN A 174 4.94 -3.75 12.29
CA ASN A 174 6.20 -3.39 11.53
C ASN A 174 6.89 -4.75 11.44
N LYS A 175 6.18 -5.56 10.66
CA LYS A 175 6.48 -6.94 10.32
C LYS A 175 5.99 -7.13 8.86
N TYR A 176 6.34 -8.29 8.31
CA TYR A 176 5.94 -8.56 6.92
C TYR A 176 4.80 -9.54 6.67
N ALA A 177 4.50 -9.58 5.35
CA ALA A 177 3.54 -10.52 4.76
C ALA A 177 3.83 -10.77 3.28
N ALA A 178 3.98 -12.06 2.98
CA ALA A 178 4.23 -12.58 1.64
C ALA A 178 3.15 -13.59 1.24
N SER A 179 3.11 -13.88 -0.06
CA SER A 179 2.19 -14.85 -0.65
C SER A 179 2.94 -15.79 -1.59
N SER A 180 2.33 -16.94 -1.79
CA SER A 180 2.92 -17.99 -2.68
C SER A 180 1.74 -18.79 -3.20
N TYR A 181 1.58 -18.84 -4.52
CA TYR A 181 0.48 -19.68 -5.05
C TYR A 181 1.03 -20.77 -5.97
N LEU A 182 0.14 -21.71 -6.14
CA LEU A 182 0.33 -22.94 -6.92
C LEU A 182 -1.00 -23.03 -7.70
N SER A 183 -0.86 -23.00 -8.99
CA SER A 183 -2.03 -23.18 -9.87
C SER A 183 -2.04 -24.65 -10.31
N LEU A 184 -2.96 -25.34 -9.64
CA LEU A 184 -3.14 -26.79 -10.00
C LEU A 184 -4.42 -26.87 -10.81
N THR A 185 -4.69 -28.08 -11.30
CA THR A 185 -5.99 -28.50 -11.81
C THR A 185 -6.53 -29.53 -10.82
N PRO A 186 -7.83 -29.69 -10.84
CA PRO A 186 -8.53 -30.52 -9.85
C PRO A 186 -7.99 -31.94 -9.87
N GLU A 187 -7.70 -32.41 -11.07
CA GLU A 187 -7.09 -33.75 -11.25
C GLU A 187 -5.82 -33.74 -10.39
N GLN A 188 -4.96 -32.80 -10.75
CA GLN A 188 -3.63 -32.67 -10.11
C GLN A 188 -3.82 -32.62 -8.59
N TRP A 189 -4.84 -31.90 -8.17
CA TRP A 189 -5.14 -31.73 -6.73
C TRP A 189 -5.34 -33.13 -6.14
N LYS A 190 -6.35 -33.77 -6.70
CA LYS A 190 -6.76 -35.14 -6.33
C LYS A 190 -5.90 -36.15 -7.09
N SER A 191 -4.61 -35.91 -7.13
CA SER A 191 -3.67 -36.93 -7.66
C SER A 191 -2.34 -36.85 -6.92
N HIS A 192 -2.41 -36.48 -5.66
CA HIS A 192 -1.27 -36.44 -4.74
C HIS A 192 -1.79 -36.52 -3.30
N ARG A 193 -1.00 -37.21 -2.48
CA ARG A 193 -1.23 -37.29 -1.04
C ARG A 193 -1.22 -35.91 -0.38
N SER A 194 -0.02 -35.34 -0.33
CA SER A 194 0.21 -34.07 0.34
C SER A 194 0.96 -33.09 -0.58
N TYR A 195 0.61 -31.84 -0.30
CA TYR A 195 1.23 -30.65 -0.90
C TYR A 195 1.79 -29.83 0.27
N SER A 196 3.09 -29.61 0.19
CA SER A 196 3.84 -28.91 1.23
C SER A 196 4.22 -27.48 0.81
N CYS A 197 4.30 -26.65 1.85
CA CYS A 197 4.96 -25.33 1.76
C CYS A 197 6.09 -25.28 2.81
N GLN A 198 7.27 -25.08 2.30
CA GLN A 198 8.55 -25.10 3.08
C GLN A 198 9.12 -23.70 2.97
N VAL A 199 9.21 -23.02 4.11
CA VAL A 199 9.60 -21.59 4.19
C VAL A 199 10.80 -21.39 5.11
N THR A 200 11.82 -20.75 4.57
CA THR A 200 13.09 -20.53 5.29
C THR A 200 13.33 -19.04 5.61
N HIS A 201 13.57 -18.84 6.90
CA HIS A 201 13.79 -17.47 7.44
C HIS A 201 14.82 -17.62 8.56
N GLU A 202 15.79 -16.73 8.65
CA GLU A 202 16.89 -16.77 9.61
C GLU A 202 17.29 -18.13 10.15
N GLY A 203 17.51 -19.12 9.31
CA GLY A 203 17.96 -20.45 9.74
C GLY A 203 16.82 -21.40 10.08
N SER A 204 15.70 -20.83 10.43
CA SER A 204 14.49 -21.52 10.82
C SER A 204 13.48 -21.70 9.68
N THR A 205 13.33 -22.98 9.34
CA THR A 205 12.32 -23.44 8.40
C THR A 205 10.99 -23.68 9.12
N VAL A 206 9.96 -23.76 8.30
CA VAL A 206 8.60 -24.11 8.71
C VAL A 206 8.03 -24.84 7.47
N GLU A 207 7.38 -25.94 7.70
CA GLU A 207 6.75 -26.69 6.61
C GLU A 207 5.32 -27.00 7.03
N LYS A 208 4.42 -26.56 6.18
CA LYS A 208 2.98 -26.83 6.38
C LYS A 208 2.57 -27.79 5.27
N THR A 209 1.63 -28.67 5.57
CA THR A 209 1.12 -29.56 4.51
C THR A 209 -0.39 -29.60 4.47
N VAL A 210 -0.86 -29.91 3.26
CA VAL A 210 -2.29 -30.14 3.04
C VAL A 210 -2.47 -31.45 2.26
N ALA A 211 -3.46 -32.15 2.78
CA ALA A 211 -3.98 -33.37 2.13
C ALA A 211 -5.41 -33.04 1.68
N PRO A 212 -5.71 -33.57 0.52
CA PRO A 212 -7.11 -33.60 0.05
C PRO A 212 -8.01 -34.21 1.11
N THR A 213 -8.33 -33.40 2.11
CA THR A 213 -9.18 -33.78 3.24
C THR A 213 -9.40 -32.59 4.18
N GLU A 214 -10.04 -31.53 3.71
CA GLU A 214 -10.41 -30.41 4.64
C GLU A 214 -11.50 -31.11 5.50
N CYS A 215 -12.21 -31.83 4.68
CA CYS A 215 -13.14 -32.93 4.97
C CYS A 215 -13.36 -33.37 3.51
N SER A 216 -14.55 -33.52 3.08
CA SER A 216 -14.89 -33.75 1.66
C SER A 216 -16.27 -33.12 1.45
N PRO B 1 -10.40 14.21 8.49
CA PRO B 1 -8.99 13.80 8.57
C PRO B 1 -8.76 12.58 7.69
N SER B 2 -7.51 12.18 7.60
CA SER B 2 -7.07 10.98 6.91
C SER B 2 -7.05 11.11 5.40
N ALA B 3 -8.17 10.84 4.71
CA ALA B 3 -8.06 10.58 3.27
C ALA B 3 -9.23 10.93 2.37
N LEU B 4 -8.80 11.28 1.15
CA LEU B 4 -9.58 11.51 -0.04
C LEU B 4 -9.38 10.25 -0.94
N THR B 5 -10.43 9.94 -1.69
CA THR B 5 -10.36 8.68 -2.46
C THR B 5 -10.06 8.97 -3.91
N GLN B 6 -9.02 8.30 -4.39
CA GLN B 6 -8.58 8.30 -5.77
C GLN B 6 -8.46 6.88 -6.36
N PRO B 7 -9.03 6.72 -7.54
CA PRO B 7 -8.89 5.53 -8.40
C PRO B 7 -7.47 4.99 -8.45
N PRO B 8 -7.31 3.69 -8.24
CA PRO B 8 -5.99 3.09 -8.02
C PRO B 8 -5.08 2.99 -9.20
N SER B 9 -5.57 3.02 -10.43
CA SER B 9 -4.71 2.83 -11.60
C SER B 9 -5.14 3.53 -12.87
N ALA B 10 -4.30 4.47 -13.28
CA ALA B 10 -4.43 5.19 -14.55
C ALA B 10 -3.62 4.49 -15.63
N SER B 11 -4.14 4.50 -16.85
CA SER B 11 -3.51 3.79 -17.97
C SER B 11 -3.86 4.43 -19.29
N GLY B 12 -2.84 4.47 -20.12
CA GLY B 12 -2.83 5.14 -21.41
C GLY B 12 -1.58 4.71 -22.19
N SER B 13 -1.83 4.57 -23.49
CA SER B 13 -0.83 4.02 -24.41
C SER B 13 0.44 4.86 -24.31
N LEU B 14 0.24 6.14 -24.55
CA LEU B 14 1.29 7.15 -24.78
C LEU B 14 0.71 7.99 -25.93
N GLY B 15 0.50 9.26 -25.69
CA GLY B 15 -0.33 10.04 -26.68
C GLY B 15 -1.76 10.09 -26.11
N GLN B 16 -2.16 8.99 -25.51
CA GLN B 16 -3.48 8.89 -24.85
C GLN B 16 -3.46 9.80 -23.63
N SER B 17 -4.54 10.52 -23.45
CA SER B 17 -4.77 11.39 -22.28
C SER B 17 -5.39 10.61 -21.12
N VAL B 18 -4.82 10.81 -19.92
CA VAL B 18 -5.34 10.14 -18.71
C VAL B 18 -5.81 11.13 -17.64
N THR B 19 -7.05 10.89 -17.21
CA THR B 19 -7.65 11.67 -16.13
C THR B 19 -7.57 10.91 -14.81
N ILE B 20 -7.58 11.68 -13.75
CA ILE B 20 -7.39 11.17 -12.37
C ILE B 20 -8.43 11.95 -11.58
N SER B 21 -9.20 11.26 -10.79
CA SER B 21 -10.31 11.90 -10.05
C SER B 21 -9.91 11.79 -8.57
N CYS B 22 -10.42 12.73 -7.84
CA CYS B 22 -10.16 12.67 -6.34
C CYS B 22 -11.48 13.19 -5.79
N THR B 23 -12.17 12.27 -5.13
CA THR B 23 -13.44 12.63 -4.45
C THR B 23 -13.33 12.51 -2.95
N GLY B 24 -14.08 13.34 -2.25
CA GLY B 24 -14.15 13.37 -0.79
C GLY B 24 -15.61 13.40 -0.33
N THR B 25 -15.87 14.11 0.76
CA THR B 25 -17.25 14.31 1.24
C THR B 25 -17.38 15.29 2.39
N SER B 26 -18.40 16.14 2.28
CA SER B 26 -18.77 17.14 3.29
C SER B 26 -17.56 17.85 3.89
N SER B 27 -17.08 17.33 5.01
CA SER B 27 -15.97 17.98 5.73
C SER B 27 -14.68 17.74 4.93
N ASP B 28 -13.92 18.81 4.89
CA ASP B 28 -12.82 18.99 3.94
C ASP B 28 -13.45 19.21 2.56
N VAL B 29 -13.32 18.23 1.68
CA VAL B 29 -13.48 18.53 0.23
C VAL B 29 -14.92 18.77 -0.20
N GLY B 30 -15.18 20.04 -0.48
CA GLY B 30 -16.48 20.54 -0.95
C GLY B 30 -16.28 21.99 -1.44
N GLY B 31 -16.84 22.90 -0.66
CA GLY B 31 -16.64 24.37 -0.90
C GLY B 31 -15.27 24.62 -0.18
N TYR B 32 -14.35 23.89 -0.76
CA TYR B 32 -13.00 23.74 -0.29
C TYR B 32 -12.10 23.63 -1.52
N ASN B 33 -11.65 24.81 -1.92
CA ASN B 33 -10.91 24.98 -3.19
C ASN B 33 -9.44 25.18 -2.94
N TYR B 34 -8.88 24.36 -2.06
CA TYR B 34 -7.44 24.42 -1.77
C TYR B 34 -6.68 23.27 -2.41
N VAL B 35 -7.41 22.45 -3.15
CA VAL B 35 -6.95 21.17 -3.66
C VAL B 35 -5.74 21.30 -4.58
N SER B 36 -4.69 20.62 -4.15
CA SER B 36 -3.42 20.60 -4.91
C SER B 36 -3.20 19.19 -5.42
N TRP B 37 -2.52 19.04 -6.54
CA TRP B 37 -2.08 17.73 -7.03
C TRP B 37 -0.56 17.61 -6.88
N TYR B 38 -0.15 16.42 -6.47
CA TYR B 38 1.29 16.10 -6.36
C TYR B 38 1.62 14.98 -7.36
N GLN B 39 2.70 15.21 -8.09
CA GLN B 39 3.22 14.07 -8.91
C GLN B 39 4.34 13.48 -8.05
N GLN B 40 4.65 12.23 -8.28
CA GLN B 40 5.75 11.55 -7.56
C GLN B 40 6.27 10.39 -8.38
N HIS B 41 7.55 10.45 -8.69
CA HIS B 41 8.26 9.40 -9.41
C HIS B 41 9.13 8.57 -8.45
N ALA B 42 9.32 7.34 -8.88
CA ALA B 42 10.09 6.33 -8.18
C ALA B 42 10.36 6.71 -6.73
N GLY B 43 11.62 6.56 -6.36
CA GLY B 43 12.08 6.94 -4.99
C GLY B 43 12.61 8.38 -5.19
N LYS B 44 11.65 9.26 -5.34
CA LYS B 44 11.96 10.72 -5.43
C LYS B 44 10.77 11.46 -4.87
N ALA B 45 10.92 12.71 -4.51
CA ALA B 45 9.95 13.44 -3.68
C ALA B 45 8.71 13.95 -4.39
N PRO B 46 7.60 13.88 -3.66
CA PRO B 46 6.32 14.47 -4.06
C PRO B 46 6.41 15.92 -4.48
N LYS B 47 6.25 16.16 -5.76
CA LYS B 47 6.43 17.46 -6.42
C LYS B 47 5.12 18.02 -6.94
N VAL B 48 4.64 19.06 -6.29
CA VAL B 48 3.43 19.80 -6.62
C VAL B 48 3.33 20.18 -8.09
N ILE B 49 2.28 19.70 -8.76
CA ILE B 49 2.16 19.94 -10.21
C ILE B 49 0.94 20.79 -10.54
N ILE B 50 0.02 20.79 -9.62
CA ILE B 50 -1.18 21.64 -9.64
C ILE B 50 -1.45 22.06 -8.19
N TYR B 51 -2.02 23.25 -8.12
CA TYR B 51 -2.29 23.87 -6.82
C TYR B 51 -3.54 24.74 -6.99
N GLU B 52 -4.25 24.84 -5.89
CA GLU B 52 -5.54 25.56 -5.84
C GLU B 52 -6.37 25.30 -7.08
N VAL B 53 -6.80 24.05 -7.17
CA VAL B 53 -7.61 23.44 -8.18
C VAL B 53 -6.89 23.27 -9.51
N ASN B 54 -6.20 24.30 -9.98
CA ASN B 54 -5.77 24.31 -11.40
C ASN B 54 -4.62 25.24 -11.73
N LYS B 55 -4.15 26.01 -10.79
CA LYS B 55 -2.93 26.84 -11.01
C LYS B 55 -1.76 25.88 -11.11
N ARG B 56 -1.09 25.84 -12.24
CA ARG B 56 0.17 25.03 -12.36
C ARG B 56 1.35 25.99 -12.20
N PRO B 57 2.49 25.47 -11.75
CA PRO B 57 3.65 26.30 -11.41
C PRO B 57 4.58 26.60 -12.57
N SER B 58 4.08 26.46 -13.77
CA SER B 58 4.75 26.79 -15.02
C SER B 58 6.11 26.16 -15.24
N GLY B 59 6.81 25.69 -14.23
CA GLY B 59 7.98 24.78 -14.48
C GLY B 59 7.37 23.46 -15.04
N VAL B 60 6.06 23.58 -15.22
CA VAL B 60 5.09 22.52 -15.46
C VAL B 60 4.44 22.78 -16.82
N PRO B 61 4.27 21.70 -17.58
CA PRO B 61 3.59 21.74 -18.88
C PRO B 61 2.12 22.04 -18.75
N ASP B 62 1.55 22.62 -19.81
CA ASP B 62 0.16 23.13 -19.76
C ASP B 62 -0.84 21.99 -19.94
N ARG B 63 -0.39 20.94 -20.59
CA ARG B 63 -1.12 19.67 -20.67
C ARG B 63 -1.41 19.08 -19.30
N PHE B 64 -0.83 19.64 -18.23
CA PHE B 64 -1.36 19.22 -16.88
C PHE B 64 -2.57 20.10 -16.59
N SER B 65 -3.76 19.52 -16.68
CA SER B 65 -5.00 20.29 -16.42
C SER B 65 -5.58 19.92 -15.05
N GLY B 66 -6.16 20.91 -14.41
CA GLY B 66 -6.82 20.78 -13.11
C GLY B 66 -8.30 21.17 -13.30
N SER B 67 -9.16 20.45 -12.58
CA SER B 67 -10.64 20.69 -12.75
C SER B 67 -11.31 20.17 -11.49
N LYS B 68 -12.37 20.80 -11.07
CA LYS B 68 -13.09 20.42 -9.83
C LYS B 68 -14.58 20.69 -10.02
N SER B 69 -15.37 19.61 -10.04
CA SER B 69 -16.84 19.82 -9.90
C SER B 69 -17.22 19.39 -8.49
N GLY B 70 -18.47 19.60 -8.14
CA GLY B 70 -19.04 19.27 -6.84
C GLY B 70 -18.04 18.75 -5.82
N ASN B 71 -18.12 17.45 -5.56
CA ASN B 71 -17.22 16.78 -4.63
C ASN B 71 -16.09 16.06 -5.36
N THR B 72 -15.76 16.47 -6.57
CA THR B 72 -14.75 15.76 -7.36
C THR B 72 -13.81 16.61 -8.18
N ALA B 73 -12.57 16.59 -7.70
CA ALA B 73 -11.41 17.11 -8.43
C ALA B 73 -11.05 16.12 -9.55
N SER B 74 -10.20 16.59 -10.44
CA SER B 74 -9.73 15.90 -11.63
C SER B 74 -8.39 16.52 -12.06
N LEU B 75 -7.69 15.74 -12.84
CA LEU B 75 -6.36 16.05 -13.36
C LEU B 75 -6.21 15.34 -14.71
N THR B 76 -6.08 16.13 -15.78
CA THR B 76 -5.92 15.50 -17.10
C THR B 76 -4.49 15.71 -17.61
N VAL B 77 -3.78 14.59 -17.73
CA VAL B 77 -2.52 14.60 -18.51
C VAL B 77 -2.99 14.46 -19.97
N SER B 78 -2.94 15.61 -20.64
CA SER B 78 -3.54 15.79 -21.95
C SER B 78 -2.79 15.21 -23.12
N GLY B 79 -1.76 14.42 -22.95
CA GLY B 79 -1.03 13.81 -24.11
C GLY B 79 0.21 13.11 -23.57
N LEU B 80 0.01 11.87 -23.18
CA LEU B 80 0.97 11.15 -22.32
C LEU B 80 2.34 10.97 -22.98
N GLN B 81 3.30 11.09 -22.08
CA GLN B 81 4.73 10.91 -22.33
C GLN B 81 5.20 9.77 -21.40
N ALA B 82 6.31 9.16 -21.74
CA ALA B 82 6.85 8.07 -20.88
C ALA B 82 7.06 8.57 -19.46
N GLU B 83 7.39 9.85 -19.37
CA GLU B 83 7.83 10.43 -18.08
C GLU B 83 6.63 10.83 -17.26
N ASP B 84 5.45 10.47 -17.80
CA ASP B 84 4.22 10.82 -17.01
C ASP B 84 4.01 9.71 -16.00
N GLU B 85 4.67 8.57 -16.25
CA GLU B 85 4.50 7.44 -15.30
C GLU B 85 4.92 7.76 -13.87
N ALA B 86 3.95 7.66 -12.97
CA ALA B 86 4.16 8.02 -11.56
C ALA B 86 2.90 7.87 -10.73
N ASP B 87 3.09 8.05 -9.42
CA ASP B 87 2.01 8.09 -8.43
C ASP B 87 1.55 9.56 -8.29
N TYR B 88 0.25 9.76 -8.41
CA TYR B 88 -0.29 11.14 -8.32
C TYR B 88 -1.26 11.19 -7.14
N TYR B 89 -0.94 12.10 -6.24
CA TYR B 89 -1.72 12.28 -5.01
C TYR B 89 -2.45 13.62 -5.13
N CYS B 90 -3.47 13.76 -4.31
CA CYS B 90 -4.24 14.99 -4.22
C CYS B 90 -4.14 15.41 -2.74
N SER B 91 -4.37 16.68 -2.55
CA SER B 91 -4.34 17.29 -1.23
C SER B 91 -5.51 18.28 -1.13
N SER B 92 -6.01 18.33 0.09
CA SER B 92 -7.08 19.25 0.48
C SER B 92 -6.79 19.67 1.93
N TYR B 93 -6.98 20.94 2.19
CA TYR B 93 -6.69 21.53 3.51
C TYR B 93 -7.98 21.71 4.29
N GLU B 94 -8.19 20.84 5.27
CA GLU B 94 -9.31 21.03 6.21
C GLU B 94 -8.77 22.14 7.14
N GLY B 95 -9.22 23.31 6.79
CA GLY B 95 -8.88 24.58 7.37
C GLY B 95 -8.20 24.47 8.74
N SER B 96 -7.26 25.40 8.89
CA SER B 96 -6.37 25.41 10.06
C SER B 96 -5.33 24.31 9.95
N ASP B 97 -5.66 23.03 10.11
CA ASP B 97 -4.67 21.96 9.90
C ASP B 97 -5.20 20.53 9.98
N ASN B 98 -5.57 20.06 8.81
CA ASN B 98 -5.86 18.68 8.41
C ASN B 98 -5.40 18.76 6.92
N PHE B 99 -4.11 18.60 6.72
CA PHE B 99 -3.65 18.51 5.30
C PHE B 99 -3.97 17.07 4.91
N VAL B 100 -5.21 16.92 4.46
CA VAL B 100 -5.77 15.62 4.07
C VAL B 100 -5.37 15.29 2.62
N PHE B 101 -4.65 14.20 2.55
CA PHE B 101 -4.19 13.58 1.32
C PHE B 101 -5.22 12.62 0.72
N GLY B 102 -4.92 12.28 -0.53
CA GLY B 102 -5.71 11.30 -1.30
C GLY B 102 -4.93 9.99 -1.30
N THR B 103 -5.59 8.97 -1.82
CA THR B 103 -5.05 7.60 -1.74
C THR B 103 -3.93 7.36 -2.73
N GLY B 104 -3.97 8.06 -3.85
CA GLY B 104 -2.92 8.01 -4.88
C GLY B 104 -3.41 7.20 -6.07
N THR B 105 -3.09 7.67 -7.26
CA THR B 105 -3.31 6.89 -8.49
C THR B 105 -1.93 6.47 -8.99
N LYS B 106 -1.87 5.39 -9.72
CA LYS B 106 -0.63 4.92 -10.35
C LYS B 106 -0.84 4.95 -11.87
N VAL B 107 -0.21 5.96 -12.44
CA VAL B 107 -0.30 6.19 -13.91
C VAL B 107 0.74 5.30 -14.58
N THR B 108 0.21 4.44 -15.42
CA THR B 108 0.98 3.41 -16.12
C THR B 108 1.01 3.77 -17.60
N VAL B 109 2.19 3.85 -18.19
CA VAL B 109 2.26 3.90 -19.67
C VAL B 109 2.25 2.43 -20.09
N LEU B 110 1.34 2.11 -20.98
CA LEU B 110 0.99 0.73 -21.32
C LEU B 110 1.97 -0.16 -22.03
N GLY B 111 2.50 -1.17 -21.34
CA GLY B 111 3.32 -2.23 -21.97
C GLY B 111 2.38 -3.38 -22.40
N GLN B 112 2.07 -4.21 -21.42
CA GLN B 112 1.27 -5.42 -21.65
C GLN B 112 -0.11 -4.91 -22.05
N PRO B 113 -0.90 -5.82 -22.62
CA PRO B 113 -2.37 -5.62 -22.69
C PRO B 113 -2.84 -5.32 -21.27
N LYS B 114 -3.97 -4.65 -21.18
CA LYS B 114 -4.59 -4.37 -19.88
C LYS B 114 -5.27 -5.66 -19.43
N ALA B 115 -5.16 -5.94 -18.14
CA ALA B 115 -5.67 -7.18 -17.57
C ALA B 115 -6.24 -6.97 -16.17
N ASN B 116 -7.56 -7.17 -16.09
CA ASN B 116 -8.33 -7.05 -14.85
C ASN B 116 -8.07 -8.31 -14.00
N PRO B 117 -7.94 -8.10 -12.70
CA PRO B 117 -7.54 -9.17 -11.77
C PRO B 117 -8.47 -10.37 -11.70
N THR B 118 -7.90 -11.49 -11.23
CA THR B 118 -8.71 -12.70 -10.92
C THR B 118 -8.54 -12.97 -9.43
N VAL B 119 -9.63 -12.73 -8.72
CA VAL B 119 -9.71 -12.77 -7.27
C VAL B 119 -10.22 -14.14 -6.80
N THR B 120 -9.36 -15.01 -6.32
CA THR B 120 -9.90 -16.21 -5.61
C THR B 120 -9.80 -15.94 -4.10
N LEU B 121 -10.95 -15.98 -3.44
CA LEU B 121 -11.01 -15.91 -1.96
C LEU B 121 -10.88 -17.31 -1.38
N PHE B 122 -10.14 -17.41 -0.29
CA PHE B 122 -9.97 -18.67 0.48
C PHE B 122 -10.48 -18.47 1.91
N PRO B 123 -11.27 -19.41 2.39
CA PRO B 123 -11.72 -19.44 3.78
C PRO B 123 -10.82 -20.25 4.69
N PRO B 124 -11.03 -20.09 6.01
CA PRO B 124 -10.23 -20.78 7.03
C PRO B 124 -10.20 -22.29 6.82
N SER B 125 -9.02 -22.84 6.64
CA SER B 125 -8.81 -24.30 6.63
C SER B 125 -9.36 -24.95 7.91
N SER B 126 -9.63 -26.24 7.76
CA SER B 126 -10.20 -27.08 8.84
C SER B 126 -9.24 -27.13 10.03
N GLU B 127 -8.03 -27.56 9.74
CA GLU B 127 -6.93 -27.55 10.71
C GLU B 127 -6.90 -26.18 11.38
N GLU B 128 -6.63 -25.15 10.62
CA GLU B 128 -6.64 -23.74 11.09
C GLU B 128 -7.66 -23.52 12.20
N LEU B 129 -8.91 -23.85 11.81
CA LEU B 129 -10.05 -23.77 12.74
C LEU B 129 -9.91 -24.70 13.93
N GLN B 130 -9.17 -25.78 13.76
CA GLN B 130 -8.77 -26.62 14.90
C GLN B 130 -7.83 -25.85 15.83
N ALA B 131 -6.97 -25.05 15.21
CA ALA B 131 -5.85 -24.42 15.92
C ALA B 131 -6.32 -23.19 16.68
N ASN B 132 -7.63 -22.99 16.58
CA ASN B 132 -8.29 -21.85 17.27
C ASN B 132 -7.84 -20.52 16.67
N LYS B 133 -7.47 -20.59 15.42
CA LYS B 133 -7.17 -19.42 14.57
C LYS B 133 -8.35 -19.26 13.61
N ALA B 134 -8.54 -18.05 13.08
CA ALA B 134 -9.49 -17.91 11.96
C ALA B 134 -8.94 -16.90 10.96
N THR B 135 -8.58 -17.34 9.77
CA THR B 135 -8.00 -16.44 8.76
C THR B 135 -8.54 -16.60 7.36
N LEU B 136 -9.08 -15.51 6.81
CA LEU B 136 -9.45 -15.53 5.35
C LEU B 136 -8.34 -14.89 4.51
N VAL B 137 -8.15 -15.38 3.28
CA VAL B 137 -7.21 -14.74 2.35
C VAL B 137 -7.68 -14.71 0.90
N CYS B 138 -7.72 -13.47 0.42
CA CYS B 138 -8.12 -13.05 -0.92
C CYS B 138 -6.89 -12.90 -1.81
N LEU B 139 -6.69 -13.88 -2.67
CA LEU B 139 -5.59 -13.89 -3.67
C LEU B 139 -6.09 -13.09 -4.87
N ILE B 140 -5.23 -12.23 -5.36
CA ILE B 140 -5.51 -11.41 -6.55
C ILE B 140 -4.36 -11.61 -7.52
N SER B 141 -4.59 -12.31 -8.64
CA SER B 141 -3.45 -12.42 -9.59
C SER B 141 -3.81 -12.02 -11.00
N ASP B 142 -2.75 -12.07 -11.83
CA ASP B 142 -2.77 -11.76 -13.25
C ASP B 142 -3.30 -10.39 -13.65
N PHE B 143 -2.99 -9.33 -12.92
CA PHE B 143 -3.47 -7.98 -13.23
C PHE B 143 -2.34 -7.05 -13.67
N TYR B 144 -2.64 -6.36 -14.76
CA TYR B 144 -1.74 -5.30 -15.26
C TYR B 144 -2.63 -4.15 -15.68
N PRO B 145 -2.40 -2.93 -15.19
CA PRO B 145 -1.30 -2.50 -14.36
C PRO B 145 -1.29 -2.96 -12.92
N GLY B 146 -0.17 -2.72 -12.25
CA GLY B 146 0.09 -3.13 -10.89
C GLY B 146 -0.51 -2.22 -9.83
N ALA B 147 -1.79 -1.92 -9.97
CA ALA B 147 -2.57 -1.18 -8.97
C ALA B 147 -3.99 -1.74 -8.83
N VAL B 148 -4.45 -1.74 -7.59
CA VAL B 148 -5.76 -2.20 -7.16
C VAL B 148 -6.18 -1.50 -5.86
N THR B 149 -7.47 -1.58 -5.61
CA THR B 149 -8.01 -1.28 -4.26
C THR B 149 -8.63 -2.57 -3.74
N VAL B 150 -8.30 -2.95 -2.52
CA VAL B 150 -8.86 -4.17 -1.91
C VAL B 150 -9.73 -3.76 -0.73
N ALA B 151 -10.72 -4.57 -0.40
CA ALA B 151 -11.60 -4.24 0.73
C ALA B 151 -12.37 -5.47 1.17
N TRP B 152 -12.75 -5.42 2.43
CA TRP B 152 -13.45 -6.52 3.10
C TRP B 152 -14.75 -5.96 3.69
N LYS B 153 -15.81 -6.72 3.43
CA LYS B 153 -17.12 -6.36 4.06
C LYS B 153 -17.63 -7.62 4.76
N ALA B 154 -17.98 -7.53 6.02
CA ALA B 154 -18.70 -8.64 6.68
C ALA B 154 -20.21 -8.39 6.52
N ASP B 155 -20.84 -9.37 5.87
CA ASP B 155 -22.29 -9.23 5.60
C ASP B 155 -22.54 -7.82 5.00
N GLY B 156 -21.74 -7.47 4.01
CA GLY B 156 -21.92 -6.24 3.25
C GLY B 156 -21.29 -5.02 3.85
N SER B 157 -21.31 -4.96 5.19
CA SER B 157 -20.70 -3.80 5.89
C SER B 157 -19.19 -3.97 6.04
N PRO B 158 -18.45 -2.99 5.56
CA PRO B 158 -16.98 -3.03 5.52
C PRO B 158 -16.36 -3.41 6.84
N VAL B 159 -15.57 -4.49 6.85
CA VAL B 159 -14.86 -4.99 8.02
C VAL B 159 -13.45 -4.37 8.01
N LYS B 160 -13.32 -3.42 8.91
CA LYS B 160 -12.20 -2.50 9.04
C LYS B 160 -11.00 -3.17 9.72
N ALA B 161 -11.34 -3.95 10.72
CA ALA B 161 -10.43 -4.58 11.63
C ALA B 161 -9.61 -5.75 11.12
N GLY B 162 -8.33 -5.46 10.91
CA GLY B 162 -7.27 -6.47 10.88
C GLY B 162 -6.97 -7.02 9.50
N VAL B 163 -7.19 -6.18 8.50
CA VAL B 163 -7.01 -6.66 7.10
C VAL B 163 -5.56 -6.33 6.75
N GLU B 164 -5.09 -7.00 5.70
CA GLU B 164 -3.66 -6.76 5.34
C GLU B 164 -3.44 -7.05 3.88
N THR B 165 -3.24 -6.00 3.08
CA THR B 165 -2.90 -6.18 1.67
C THR B 165 -1.36 -6.16 1.57
N THR B 166 -0.99 -6.48 0.37
CA THR B 166 0.45 -6.57 -0.04
C THR B 166 0.52 -5.64 -1.23
N LYS B 167 1.67 -5.14 -1.58
CA LYS B 167 1.75 -4.39 -2.86
C LYS B 167 1.84 -5.44 -3.97
N PRO B 168 1.53 -4.99 -5.18
CA PRO B 168 1.68 -5.84 -6.38
C PRO B 168 3.10 -6.36 -6.48
N SER B 169 3.21 -7.50 -7.15
CA SER B 169 4.54 -8.07 -7.48
C SER B 169 4.43 -8.69 -8.87
N LYS B 170 5.56 -8.97 -9.48
CA LYS B 170 5.58 -9.49 -10.85
C LYS B 170 5.60 -11.01 -10.76
N GLN B 171 4.88 -11.62 -11.68
CA GLN B 171 4.90 -13.11 -11.78
C GLN B 171 5.88 -13.42 -12.91
N SER B 172 6.10 -14.68 -13.19
CA SER B 172 7.01 -15.09 -14.27
C SER B 172 6.51 -14.51 -15.60
N ASN B 173 5.25 -14.15 -15.58
CA ASN B 173 4.49 -13.71 -16.76
C ASN B 173 4.16 -12.23 -16.78
N ASN B 174 4.91 -11.44 -16.05
CA ASN B 174 4.92 -9.99 -16.10
C ASN B 174 3.71 -9.28 -15.51
N LYS B 175 2.65 -10.03 -15.29
CA LYS B 175 1.45 -9.47 -14.65
C LYS B 175 1.71 -9.51 -13.15
N TYR B 176 0.88 -8.81 -12.41
CA TYR B 176 1.12 -8.73 -10.96
C TYR B 176 0.23 -9.68 -10.18
N ALA B 177 0.57 -9.75 -8.90
CA ALA B 177 -0.09 -10.60 -7.90
C ALA B 177 0.04 -9.91 -6.54
N ALA B 178 -1.12 -9.67 -5.96
CA ALA B 178 -1.27 -9.10 -4.62
C ALA B 178 -2.22 -9.95 -3.78
N SER B 179 -1.92 -9.95 -2.49
CA SER B 179 -2.58 -10.78 -1.48
C SER B 179 -3.11 -9.87 -0.38
N SER B 180 -4.30 -10.25 0.07
CA SER B 180 -4.95 -9.50 1.18
C SER B 180 -5.55 -10.55 2.11
N TYR B 181 -5.28 -10.40 3.40
CA TYR B 181 -5.81 -11.34 4.38
C TYR B 181 -6.63 -10.61 5.44
N LEU B 182 -7.14 -11.43 6.33
CA LEU B 182 -7.96 -11.08 7.48
C LEU B 182 -7.61 -12.13 8.56
N SER B 183 -7.64 -11.68 9.77
CA SER B 183 -7.56 -12.59 10.94
C SER B 183 -8.78 -12.34 11.82
N LEU B 184 -9.35 -13.40 12.34
CA LEU B 184 -10.55 -13.48 13.14
C LEU B 184 -10.40 -14.48 14.32
N THR B 185 -11.35 -14.30 15.23
CA THR B 185 -11.73 -15.29 16.24
C THR B 185 -12.86 -16.15 15.67
N PRO B 186 -12.63 -17.46 15.64
CA PRO B 186 -13.46 -18.41 14.89
C PRO B 186 -14.94 -18.23 15.13
N GLU B 187 -15.24 -17.76 16.32
CA GLU B 187 -16.61 -17.41 16.73
C GLU B 187 -17.13 -16.33 15.78
N GLN B 188 -16.34 -15.25 15.71
CA GLN B 188 -16.68 -14.08 14.87
C GLN B 188 -16.63 -14.46 13.39
N TRP B 189 -15.97 -15.58 13.10
CA TRP B 189 -16.10 -16.16 11.72
C TRP B 189 -17.58 -16.56 11.58
N LYS B 190 -17.98 -17.42 12.51
CA LYS B 190 -19.36 -17.95 12.48
C LYS B 190 -20.37 -17.04 13.14
N SER B 191 -20.23 -15.73 13.04
CA SER B 191 -21.34 -14.83 13.47
C SER B 191 -21.90 -14.00 12.33
N HIS B 192 -21.69 -14.42 11.10
CA HIS B 192 -22.05 -13.70 9.89
C HIS B 192 -22.31 -14.70 8.76
N ARG B 193 -23.27 -14.37 7.91
CA ARG B 193 -23.63 -15.23 6.77
C ARG B 193 -22.50 -15.20 5.75
N SER B 194 -22.09 -13.99 5.38
CA SER B 194 -21.00 -13.85 4.38
C SER B 194 -19.86 -12.95 4.84
N TYR B 195 -18.85 -12.96 3.99
CA TYR B 195 -17.67 -12.10 4.01
C TYR B 195 -17.27 -11.90 2.54
N SER B 196 -17.16 -10.65 2.15
CA SER B 196 -16.85 -10.28 0.77
C SER B 196 -15.44 -9.71 0.64
N CYS B 197 -14.67 -10.29 -0.30
CA CYS B 197 -13.37 -9.75 -0.68
C CYS B 197 -13.57 -8.97 -2.00
N GLN B 198 -13.10 -7.74 -2.00
CA GLN B 198 -13.53 -6.80 -3.05
C GLN B 198 -12.43 -5.95 -3.64
N VAL B 199 -12.10 -6.28 -4.89
CA VAL B 199 -10.93 -5.74 -5.60
C VAL B 199 -11.32 -4.87 -6.79
N THR B 200 -10.95 -3.63 -6.70
CA THR B 200 -11.07 -2.60 -7.72
C THR B 200 -9.79 -2.50 -8.55
N HIS B 201 -9.93 -2.47 -9.88
CA HIS B 201 -8.77 -2.26 -10.78
C HIS B 201 -9.23 -1.65 -12.08
N GLU B 202 -9.63 -0.40 -11.99
CA GLU B 202 -9.98 0.49 -13.09
C GLU B 202 -11.23 0.05 -13.85
N GLY B 203 -12.36 0.31 -13.22
CA GLY B 203 -13.69 0.02 -13.81
C GLY B 203 -14.11 -1.33 -13.19
N SER B 204 -13.44 -2.34 -13.72
CA SER B 204 -13.58 -3.71 -13.19
C SER B 204 -13.35 -3.66 -11.68
N THR B 205 -14.47 -3.86 -11.03
CA THR B 205 -14.55 -4.13 -9.58
C THR B 205 -15.09 -5.57 -9.52
N VAL B 206 -14.46 -6.37 -8.70
CA VAL B 206 -14.88 -7.78 -8.51
C VAL B 206 -15.09 -8.03 -7.02
N GLU B 207 -16.18 -8.72 -6.73
CA GLU B 207 -16.51 -9.10 -5.36
C GLU B 207 -16.72 -10.62 -5.28
N LYS B 208 -16.05 -11.19 -4.31
CA LYS B 208 -16.31 -12.61 -3.95
C LYS B 208 -16.95 -12.59 -2.57
N THR B 209 -17.53 -13.71 -2.18
CA THR B 209 -18.22 -13.83 -0.90
C THR B 209 -18.15 -15.23 -0.30
N VAL B 210 -17.40 -15.38 0.78
CA VAL B 210 -17.29 -16.59 1.57
C VAL B 210 -18.33 -16.64 2.70
N ALA B 211 -18.77 -17.88 2.96
CA ALA B 211 -19.85 -18.16 3.92
C ALA B 211 -19.40 -19.31 4.82
N PRO B 212 -19.70 -19.18 6.11
CA PRO B 212 -19.30 -20.15 7.09
C PRO B 212 -19.93 -21.53 7.10
N THR B 213 -18.99 -22.47 7.12
CA THR B 213 -19.19 -23.91 7.14
C THR B 213 -18.40 -24.52 8.31
N GLU B 214 -18.91 -25.65 8.69
CA GLU B 214 -18.30 -26.52 9.75
C GLU B 214 -18.15 -27.87 9.09
N CYS B 215 -16.95 -28.43 8.99
CA CYS B 215 -16.74 -29.61 8.11
C CYS B 215 -17.69 -30.71 8.64
N SER B 216 -17.96 -30.57 9.92
CA SER B 216 -19.07 -31.33 10.56
C SER B 216 -19.75 -30.35 11.54
C ACE C 1 -2.44 26.38 2.43
O ACE C 1 -2.08 27.42 1.89
CH3 ACE C 1 -2.95 26.33 3.84
N HIS C 2 -2.43 25.25 1.77
CA HIS C 2 -1.93 24.99 0.46
C HIS C 2 -0.46 24.55 0.40
N DPR C 3 -0.11 23.53 1.22
CA DPR C 3 1.13 22.75 0.92
CB DPR C 3 2.03 23.35 1.92
CG DPR C 3 1.15 23.27 3.14
CD DPR C 3 -0.22 23.28 2.65
C DPR C 3 1.63 22.63 -0.47
O DPR C 3 2.57 21.80 -0.75
N NH2 C 4 1.20 23.26 -1.53
#